data_9JSF
#
_entry.id   9JSF
#
loop_
_entity.id
_entity.type
_entity.pdbx_description
1 polymer 'Iota toxin component Ib'
2 non-polymer 'CALCIUM ION'
#
_entity_poly.entity_id   1
_entity_poly.type   'polypeptide(L)'
_entity_poly.pdbx_seq_one_letter_code
;EDLDTDNDNIPDAYEKNGYTIKDSIAVKWNDSFAEQGYKKYVSSYLESNTAGDPYTDYQKASGSIDKAIKLEARDPLVAA
YPVVGVGMENLIISTNEHASSDQGKTVSRATTNSKTDANTVGVSISAGYQNGFTGNITTSYSHTTDNSTAVQDSNGESWN
TGLSINKAESAYINANVRYYNTGTAPMYKVTPTTNLVLDGETLATIKAQDNQIGNNLSPNETYPKKGLSPLALNTMDQFN
ARLIPINYDQLKKLDSGKQIKLETTQVSGNYGTKNSQGQIITEGNSWSNYISQIDSVSASIILDTGSQTFERRVAAKEQG
NPEDKTPEITIGEAIKKAFSATKNGELLYFNGIPIDESCVELIFDDNTSEIIKEQLKYLDDKKIYNVKLERGMNILIKVP
SYFTNFDEYNNFPASWSNIDTKNQDGLQSVANKLSGETKIIIPMSKLKPYKRYVFSGYSKDPSTSNSITVNIKSKEQKTD
YLVPEKDYTKFSYEFETTGKDSSDIEITLTSSGVIFLDNLSITELNSTPEIL
;
_entity_poly.pdbx_strand_id   A
#
loop_
_chem_comp.id
_chem_comp.type
_chem_comp.name
_chem_comp.formula
CA non-polymer 'CALCIUM ION' 'Ca 2'
#
# COMPACT_ATOMS: atom_id res chain seq x y z
N GLU A 1 -0.20 -41.39 -13.16
CA GLU A 1 0.07 -40.03 -12.71
C GLU A 1 -0.40 -39.01 -13.73
N ASP A 2 -1.67 -39.13 -14.14
CA ASP A 2 -2.28 -38.21 -15.08
C ASP A 2 -3.68 -37.80 -14.66
N LEU A 3 -4.02 -37.98 -13.38
CA LEU A 3 -5.35 -37.64 -12.91
C LEU A 3 -5.59 -36.13 -12.98
N ASP A 4 -6.82 -35.76 -13.35
CA ASP A 4 -7.25 -34.36 -13.39
C ASP A 4 -8.62 -34.30 -12.73
N THR A 5 -8.64 -34.13 -11.41
CA THR A 5 -9.91 -34.15 -10.68
C THR A 5 -10.78 -32.96 -11.05
N ASP A 6 -10.19 -31.78 -11.21
CA ASP A 6 -10.95 -30.57 -11.50
C ASP A 6 -11.06 -30.26 -12.98
N ASN A 7 -10.43 -31.07 -13.85
CA ASN A 7 -10.53 -30.93 -15.30
C ASN A 7 -10.10 -29.53 -15.76
N ASP A 8 -8.82 -29.22 -15.54
CA ASP A 8 -8.26 -27.96 -16.01
C ASP A 8 -6.89 -28.16 -16.63
N ASN A 9 -6.62 -29.35 -17.15
CA ASN A 9 -5.42 -29.64 -17.96
C ASN A 9 -4.13 -29.56 -17.16
N ILE A 10 -4.20 -29.75 -15.84
CA ILE A 10 -3.03 -29.81 -14.99
C ILE A 10 -3.20 -31.02 -14.07
N PRO A 11 -2.29 -31.99 -14.09
CA PRO A 11 -2.46 -33.18 -13.25
C PRO A 11 -2.40 -32.86 -11.77
N ASP A 12 -3.01 -33.73 -10.97
CA ASP A 12 -3.09 -33.50 -9.53
C ASP A 12 -1.72 -33.43 -8.88
N ALA A 13 -0.82 -34.34 -9.26
CA ALA A 13 0.50 -34.39 -8.63
C ALA A 13 1.30 -33.13 -8.93
N TYR A 14 1.30 -32.70 -10.20
CA TYR A 14 1.99 -31.47 -10.55
C TYR A 14 1.39 -30.29 -9.82
N GLU A 15 0.07 -30.22 -9.76
CA GLU A 15 -0.61 -29.12 -9.09
C GLU A 15 -0.39 -29.13 -7.58
N LYS A 16 -0.05 -30.28 -7.02
CA LYS A 16 0.20 -30.40 -5.59
C LYS A 16 1.64 -30.08 -5.22
N ASN A 17 2.60 -30.45 -6.08
CA ASN A 17 4.01 -30.34 -5.73
C ASN A 17 4.75 -29.24 -6.47
N GLY A 18 4.16 -28.65 -7.51
CA GLY A 18 4.82 -27.62 -8.27
C GLY A 18 4.90 -27.93 -9.75
N TYR A 19 4.60 -26.95 -10.59
CA TYR A 19 4.57 -27.16 -12.03
C TYR A 19 4.93 -25.85 -12.72
N THR A 20 5.21 -25.95 -14.02
CA THR A 20 5.39 -24.76 -14.84
C THR A 20 4.91 -25.06 -16.25
N ILE A 21 4.55 -24.01 -16.97
CA ILE A 21 3.99 -24.14 -18.32
C ILE A 21 5.12 -23.93 -19.31
N LYS A 22 5.38 -24.95 -20.14
CA LYS A 22 6.33 -24.86 -21.23
C LYS A 22 5.67 -25.40 -22.49
N ASP A 23 5.83 -24.66 -23.60
CA ASP A 23 5.20 -25.00 -24.87
C ASP A 23 3.69 -25.23 -24.68
N SER A 24 3.08 -24.40 -23.86
CA SER A 24 1.65 -24.40 -23.59
C SER A 24 1.16 -25.69 -22.94
N ILE A 25 2.06 -26.50 -22.39
CA ILE A 25 1.65 -27.67 -21.61
C ILE A 25 2.32 -27.63 -20.25
N ALA A 26 1.64 -28.20 -19.27
CA ALA A 26 2.17 -28.24 -17.91
C ALA A 26 3.22 -29.32 -17.77
N VAL A 27 4.33 -28.98 -17.11
CA VAL A 27 5.41 -29.92 -16.85
C VAL A 27 5.79 -29.82 -15.38
N LYS A 28 6.35 -30.91 -14.87
CA LYS A 28 6.77 -30.97 -13.48
C LYS A 28 7.91 -30.02 -13.23
N TRP A 29 7.88 -29.37 -12.06
CA TRP A 29 8.91 -28.38 -11.74
C TRP A 29 10.25 -29.06 -11.48
N ASN A 30 11.31 -28.44 -11.98
CA ASN A 30 12.68 -28.84 -11.71
C ASN A 30 13.44 -27.61 -11.25
N ASP A 31 14.30 -27.79 -10.25
CA ASP A 31 15.00 -26.65 -9.67
C ASP A 31 15.92 -25.96 -10.66
N SER A 32 16.28 -26.63 -11.77
CA SER A 32 17.17 -26.05 -12.76
C SER A 32 16.48 -25.06 -13.68
N PHE A 33 15.16 -24.90 -13.58
CA PHE A 33 14.44 -23.95 -14.40
C PHE A 33 14.57 -22.52 -13.89
N ALA A 34 14.95 -22.34 -12.63
CA ALA A 34 14.88 -21.01 -12.02
C ALA A 34 15.78 -20.01 -12.74
N GLU A 35 16.97 -20.43 -13.17
CA GLU A 35 17.86 -19.51 -13.85
C GLU A 35 17.41 -19.21 -15.28
N GLN A 36 16.50 -20.01 -15.83
CA GLN A 36 16.02 -19.76 -17.19
C GLN A 36 14.82 -18.83 -17.22
N GLY A 37 14.38 -18.32 -16.07
CA GLY A 37 13.25 -17.41 -16.01
C GLY A 37 11.93 -18.05 -15.69
N TYR A 38 11.88 -19.36 -15.51
CA TYR A 38 10.62 -20.05 -15.26
C TYR A 38 10.21 -19.92 -13.79
N LYS A 39 8.93 -19.65 -13.58
CA LYS A 39 8.36 -19.50 -12.26
C LYS A 39 7.70 -20.79 -11.82
N LYS A 40 7.68 -21.03 -10.51
CA LYS A 40 7.10 -22.24 -9.94
C LYS A 40 5.68 -21.93 -9.47
N TYR A 41 4.71 -22.61 -10.08
CA TYR A 41 3.30 -22.38 -9.78
C TYR A 41 2.75 -23.54 -8.97
N VAL A 42 1.95 -23.22 -7.97
CA VAL A 42 1.25 -24.22 -7.17
C VAL A 42 -0.17 -23.73 -6.96
N SER A 43 -1.12 -24.66 -7.01
CA SER A 43 -2.53 -24.31 -6.90
C SER A 43 -3.28 -25.49 -6.29
N SER A 44 -4.61 -25.42 -6.32
CA SER A 44 -5.48 -26.44 -5.75
C SER A 44 -5.89 -27.43 -6.81
N TYR A 45 -5.80 -28.72 -6.48
CA TYR A 45 -6.16 -29.77 -7.42
C TYR A 45 -7.62 -30.17 -7.35
N LEU A 46 -8.40 -29.56 -6.46
CA LEU A 46 -9.82 -29.83 -6.34
C LEU A 46 -10.69 -28.71 -6.90
N GLU A 47 -10.09 -27.59 -7.31
CA GLU A 47 -10.81 -26.44 -7.82
C GLU A 47 -10.10 -25.93 -9.06
N SER A 48 -10.88 -25.55 -10.09
CA SER A 48 -10.29 -25.08 -11.33
C SER A 48 -9.89 -23.61 -11.24
N ASN A 49 -10.66 -22.82 -10.50
CA ASN A 49 -10.39 -21.40 -10.30
C ASN A 49 -9.99 -21.22 -8.83
N THR A 50 -8.69 -21.37 -8.55
CA THR A 50 -8.21 -21.32 -7.17
C THR A 50 -8.46 -19.97 -6.53
N ALA A 51 -8.21 -18.89 -7.26
CA ALA A 51 -8.29 -17.54 -6.71
C ALA A 51 -9.69 -16.95 -6.78
N GLY A 52 -10.61 -17.57 -7.49
CA GLY A 52 -11.98 -17.09 -7.57
C GLY A 52 -12.26 -16.13 -8.70
N ASP A 53 -11.35 -15.96 -9.65
CA ASP A 53 -11.49 -14.99 -10.73
C ASP A 53 -12.05 -15.68 -11.97
N PRO A 54 -12.39 -14.92 -13.04
CA PRO A 54 -13.01 -15.56 -14.21
C PRO A 54 -12.13 -16.53 -14.97
N TYR A 55 -10.84 -16.59 -14.65
CA TYR A 55 -9.88 -17.38 -15.41
C TYR A 55 -9.35 -18.53 -14.57
N THR A 56 -9.25 -19.70 -15.18
CA THR A 56 -8.85 -20.90 -14.47
C THR A 56 -7.35 -20.90 -14.22
N ASP A 57 -6.88 -21.94 -13.52
CA ASP A 57 -5.46 -22.03 -13.17
C ASP A 57 -4.59 -22.18 -14.42
N TYR A 58 -5.03 -23.00 -15.38
CA TYR A 58 -4.26 -23.19 -16.60
C TYR A 58 -4.24 -21.92 -17.45
N GLN A 59 -5.38 -21.23 -17.55
CA GLN A 59 -5.43 -20.00 -18.33
C GLN A 59 -4.50 -18.94 -17.74
N LYS A 60 -4.50 -18.81 -16.41
CA LYS A 60 -3.63 -17.83 -15.78
C LYS A 60 -2.15 -18.21 -15.91
N ALA A 61 -1.82 -19.47 -15.61
CA ALA A 61 -0.42 -19.88 -15.63
C ALA A 61 0.16 -19.85 -17.03
N SER A 62 -0.61 -20.28 -18.04
CA SER A 62 -0.12 -20.33 -19.41
C SER A 62 -0.23 -18.99 -20.13
N GLY A 63 -0.88 -18.00 -19.53
CA GLY A 63 -1.01 -16.69 -20.14
C GLY A 63 -2.08 -16.58 -21.20
N SER A 64 -2.98 -17.55 -21.30
CA SER A 64 -4.01 -17.53 -22.34
C SER A 64 -5.18 -16.62 -21.92
N ILE A 65 -4.87 -15.38 -21.56
CA ILE A 65 -5.84 -14.43 -21.07
C ILE A 65 -5.58 -13.09 -21.74
N ASP A 66 -6.33 -12.07 -21.32
CA ASP A 66 -6.12 -10.73 -21.82
C ASP A 66 -4.67 -10.30 -21.59
N LYS A 67 -4.05 -9.76 -22.64
CA LYS A 67 -2.66 -9.34 -22.56
C LYS A 67 -2.47 -8.04 -21.81
N ALA A 68 -3.57 -7.40 -21.39
CA ALA A 68 -3.49 -6.20 -20.55
C ALA A 68 -3.45 -6.53 -19.06
N ILE A 69 -3.55 -7.81 -18.70
CA ILE A 69 -3.49 -8.22 -17.31
C ILE A 69 -2.04 -8.29 -16.86
N LYS A 70 -1.77 -7.83 -15.64
CA LYS A 70 -0.41 -7.78 -15.14
C LYS A 70 0.18 -9.17 -15.02
N LEU A 71 1.51 -9.26 -15.14
CA LEU A 71 2.16 -10.56 -15.17
C LEU A 71 2.06 -11.28 -13.83
N GLU A 72 2.05 -10.53 -12.72
CA GLU A 72 1.90 -11.17 -11.42
C GLU A 72 0.53 -11.79 -11.21
N ALA A 73 -0.45 -11.45 -12.06
CA ALA A 73 -1.73 -12.12 -12.02
C ALA A 73 -1.72 -13.44 -12.78
N ARG A 74 -0.59 -13.82 -13.37
CA ARG A 74 -0.47 -15.13 -14.00
C ARG A 74 -0.21 -16.23 -12.96
N ASP A 75 0.01 -15.87 -11.72
CA ASP A 75 0.13 -16.86 -10.66
C ASP A 75 -1.27 -17.30 -10.22
N PRO A 76 -1.54 -18.60 -10.14
CA PRO A 76 -2.89 -19.03 -9.73
C PRO A 76 -3.31 -18.55 -8.35
N LEU A 77 -2.38 -18.19 -7.47
CA LEU A 77 -2.70 -17.73 -6.13
C LEU A 77 -2.92 -16.23 -6.05
N VAL A 78 -2.69 -15.49 -7.13
CA VAL A 78 -2.91 -14.05 -7.17
C VAL A 78 -4.06 -13.79 -8.13
N ALA A 79 -5.08 -13.09 -7.66
CA ALA A 79 -6.30 -12.87 -8.42
C ALA A 79 -6.13 -11.73 -9.40
N ALA A 80 -6.72 -11.89 -10.59
CA ALA A 80 -6.91 -10.79 -11.52
C ALA A 80 -8.13 -10.00 -11.10
N TYR A 81 -7.92 -8.78 -10.59
CA TYR A 81 -8.96 -8.06 -9.86
C TYR A 81 -8.77 -6.56 -10.06
N PRO A 82 -9.73 -5.88 -10.68
CA PRO A 82 -9.63 -4.42 -10.82
C PRO A 82 -9.98 -3.71 -9.53
N VAL A 83 -9.26 -2.64 -9.24
CA VAL A 83 -9.54 -1.78 -8.10
C VAL A 83 -9.68 -0.36 -8.65
N VAL A 84 -10.91 0.03 -8.95
CA VAL A 84 -11.18 1.28 -9.64
C VAL A 84 -11.76 2.29 -8.64
N GLY A 85 -11.17 3.48 -8.61
CA GLY A 85 -11.67 4.56 -7.78
C GLY A 85 -11.73 5.86 -8.57
N VAL A 86 -12.23 6.90 -7.91
CA VAL A 86 -12.41 8.21 -8.51
C VAL A 86 -11.73 9.24 -7.62
N GLY A 87 -11.00 10.17 -8.22
CA GLY A 87 -10.36 11.23 -7.45
C GLY A 87 -10.41 12.57 -8.13
N MET A 88 -10.66 13.64 -7.39
CA MET A 88 -10.81 14.96 -8.00
C MET A 88 -9.48 15.70 -8.06
N GLU A 89 -9.37 16.58 -9.05
CA GLU A 89 -8.17 17.36 -9.30
C GLU A 89 -8.36 18.85 -9.16
N ASN A 90 -9.56 19.36 -9.47
CA ASN A 90 -9.86 20.78 -9.36
C ASN A 90 -11.17 20.95 -8.61
N LEU A 91 -11.21 21.90 -7.68
CA LEU A 91 -12.41 22.26 -6.95
C LEU A 91 -12.73 23.72 -7.28
N ILE A 92 -13.90 23.94 -7.88
CA ILE A 92 -14.35 25.27 -8.28
C ILE A 92 -15.55 25.63 -7.43
N ILE A 93 -15.49 26.80 -6.79
CA ILE A 93 -16.55 27.21 -5.88
C ILE A 93 -17.13 28.56 -6.32
N SER A 108 -11.70 27.14 -8.12
CA SER A 108 -10.69 28.10 -8.55
C SER A 108 -9.36 27.83 -7.86
N ARG A 109 -9.16 26.60 -7.40
CA ARG A 109 -7.95 26.25 -6.69
C ARG A 109 -7.72 24.75 -6.82
N ALA A 110 -6.47 24.37 -7.07
CA ALA A 110 -6.13 22.98 -7.35
C ALA A 110 -6.03 22.17 -6.06
N THR A 111 -5.95 20.85 -6.22
CA THR A 111 -5.91 19.93 -5.09
C THR A 111 -5.22 18.65 -5.51
N THR A 112 -4.83 17.85 -4.53
CA THR A 112 -4.25 16.53 -4.73
C THR A 112 -5.11 15.50 -4.02
N ASN A 113 -4.86 14.22 -4.34
CA ASN A 113 -5.65 13.12 -3.79
C ASN A 113 -4.71 12.13 -3.10
N SER A 114 -5.22 11.49 -2.05
CA SER A 114 -4.48 10.44 -1.34
C SER A 114 -5.40 9.25 -1.15
N LYS A 115 -4.88 8.05 -1.44
CA LYS A 115 -5.62 6.81 -1.39
C LYS A 115 -5.32 5.98 -0.15
N THR A 116 -4.38 6.41 0.69
CA THR A 116 -4.04 5.68 1.90
C THR A 116 -4.05 6.58 3.14
N ASP A 117 -4.78 7.68 3.10
CA ASP A 117 -4.85 8.56 4.26
C ASP A 117 -5.76 7.98 5.34
N ALA A 118 -6.89 7.39 4.94
CA ALA A 118 -7.83 6.84 5.91
C ALA A 118 -7.21 5.70 6.70
N ASN A 119 -6.39 4.87 6.06
CA ASN A 119 -5.70 3.81 6.76
C ASN A 119 -4.77 4.36 7.83
N THR A 120 -4.12 5.48 7.54
CA THR A 120 -3.04 5.98 8.37
C THR A 120 -3.53 6.88 9.49
N VAL A 121 -4.65 7.57 9.30
CA VAL A 121 -5.15 8.49 10.34
C VAL A 121 -5.32 7.76 11.66
N GLY A 122 -5.89 6.56 11.63
CA GLY A 122 -6.12 5.82 12.85
C GLY A 122 -4.94 4.98 13.30
N VAL A 123 -3.73 5.51 13.13
CA VAL A 123 -2.50 4.83 13.55
C VAL A 123 -1.85 5.65 14.64
N SER A 124 -1.62 5.03 15.79
CA SER A 124 -0.96 5.66 16.93
C SER A 124 0.46 5.14 17.03
N ILE A 125 1.43 6.05 17.15
CA ILE A 125 2.84 5.71 17.18
C ILE A 125 3.33 5.82 18.62
N SER A 126 3.95 4.76 19.11
CA SER A 126 4.49 4.70 20.47
C SER A 126 6.00 4.67 20.42
N ALA A 127 6.61 4.56 21.61
CA ALA A 127 8.06 4.63 21.71
C ALA A 127 8.74 3.39 21.13
N GLY A 128 8.24 2.20 21.49
CA GLY A 128 8.89 0.96 21.10
C GLY A 128 7.88 -0.13 20.82
N TYR A 129 8.42 -1.29 20.41
CA TYR A 129 7.63 -2.45 20.03
C TYR A 129 8.08 -3.65 20.86
N GLN A 130 7.14 -4.54 21.13
CA GLN A 130 7.35 -5.64 22.05
C GLN A 130 7.24 -7.00 21.35
N ASN A 131 8.03 -7.96 21.84
CA ASN A 131 7.93 -9.36 21.45
C ASN A 131 8.17 -9.58 19.96
N GLY A 132 9.00 -8.74 19.34
CA GLY A 132 9.35 -8.93 17.95
C GLY A 132 8.32 -8.48 16.95
N PHE A 133 7.21 -7.90 17.40
CA PHE A 133 6.17 -7.40 16.49
C PHE A 133 6.50 -5.94 16.19
N THR A 134 7.10 -5.69 15.04
CA THR A 134 7.54 -4.37 14.65
C THR A 134 6.53 -3.62 13.80
N GLY A 135 5.33 -4.17 13.60
CA GLY A 135 4.31 -3.52 12.83
C GLY A 135 3.53 -2.51 13.64
N ASN A 136 2.49 -1.97 13.01
CA ASN A 136 1.61 -1.00 13.64
C ASN A 136 0.16 -1.40 13.41
N ILE A 137 -0.71 -0.91 14.28
CA ILE A 137 -2.13 -1.28 14.27
C ILE A 137 -2.94 -0.05 13.90
N THR A 138 -3.85 -0.21 12.95
CA THR A 138 -4.77 0.84 12.56
C THR A 138 -6.18 0.49 13.01
N THR A 139 -6.98 1.52 13.28
CA THR A 139 -8.37 1.34 13.67
C THR A 139 -9.35 1.63 12.56
N SER A 140 -8.90 2.16 11.43
CA SER A 140 -9.76 2.58 10.33
C SER A 140 -9.22 2.08 9.00
N TYR A 141 -8.87 0.79 8.94
CA TYR A 141 -8.34 0.23 7.70
C TYR A 141 -9.34 0.40 6.57
N SER A 142 -8.82 0.83 5.42
CA SER A 142 -9.66 1.10 4.25
C SER A 142 -8.88 0.72 3.00
N HIS A 143 -9.53 0.85 1.85
CA HIS A 143 -8.94 0.47 0.58
C HIS A 143 -8.61 1.72 -0.25
N THR A 144 -7.91 1.50 -1.36
CA THR A 144 -7.45 2.59 -2.21
C THR A 144 -8.59 3.31 -2.92
N THR A 145 -9.81 2.76 -2.90
CA THR A 145 -10.95 3.43 -3.50
C THR A 145 -11.53 4.52 -2.61
N ASP A 146 -11.13 4.57 -1.34
CA ASP A 146 -11.54 5.65 -0.44
C ASP A 146 -10.52 6.77 -0.57
N ASN A 147 -10.90 7.84 -1.27
CA ASN A 147 -9.97 8.90 -1.66
C ASN A 147 -10.26 10.17 -0.88
N SER A 148 -9.20 10.75 -0.32
CA SER A 148 -9.31 12.01 0.42
C SER A 148 -8.46 13.06 -0.28
N THR A 149 -9.05 14.22 -0.58
CA THR A 149 -8.36 15.26 -1.32
C THR A 149 -7.91 16.37 -0.39
N ALA A 150 -6.69 16.83 -0.61
CA ALA A 150 -6.10 17.94 0.13
C ALA A 150 -5.92 19.13 -0.81
N VAL A 151 -6.46 20.28 -0.41
CA VAL A 151 -6.45 21.46 -1.25
C VAL A 151 -5.06 22.09 -1.21
N GLN A 152 -4.49 22.35 -2.39
CA GLN A 152 -3.17 22.92 -2.52
C GLN A 152 -3.24 24.40 -2.82
N ASP A 153 -2.14 25.10 -2.51
CA ASP A 153 -2.00 26.53 -2.78
C ASP A 153 -3.11 27.34 -2.12
N SER A 154 -3.15 27.28 -0.79
CA SER A 154 -4.14 28.00 0.00
C SER A 154 -3.57 29.29 0.59
N ASN A 155 -2.45 29.18 1.30
CA ASN A 155 -1.79 30.34 1.93
C ASN A 155 -2.74 31.09 2.86
N GLY A 156 -3.57 30.34 3.59
CA GLY A 156 -4.48 30.95 4.53
C GLY A 156 -5.53 31.85 3.91
N GLU A 157 -6.08 31.44 2.77
CA GLU A 157 -7.13 32.18 2.08
C GLU A 157 -8.43 31.39 2.23
N SER A 158 -9.30 31.85 3.12
CA SER A 158 -10.55 31.14 3.38
C SER A 158 -11.46 31.18 2.15
N TRP A 159 -12.28 30.13 2.02
CA TRP A 159 -13.22 30.06 0.90
C TRP A 159 -14.31 31.12 0.99
N ASN A 160 -14.49 31.76 2.15
CA ASN A 160 -15.50 32.80 2.27
C ASN A 160 -15.09 34.09 1.56
N THR A 161 -13.79 34.35 1.44
CA THR A 161 -13.31 35.52 0.74
C THR A 161 -13.65 35.39 -0.75
N GLY A 162 -14.60 36.21 -1.21
CA GLY A 162 -15.13 36.11 -2.55
C GLY A 162 -16.40 35.30 -2.65
N LEU A 163 -16.72 34.52 -1.62
CA LEU A 163 -17.96 33.76 -1.56
C LEU A 163 -18.75 34.18 -0.32
N SER A 164 -18.89 35.50 -0.12
CA SER A 164 -19.49 36.04 1.10
C SER A 164 -20.88 35.47 1.35
N ILE A 165 -21.02 34.71 2.43
CA ILE A 165 -22.28 34.08 2.81
C ILE A 165 -22.41 34.17 4.33
N ASN A 166 -23.63 34.43 4.80
CA ASN A 166 -23.90 34.53 6.22
C ASN A 166 -24.72 33.34 6.73
N LYS A 167 -25.90 33.10 6.15
CA LYS A 167 -26.73 31.97 6.52
C LYS A 167 -27.41 31.34 5.31
N ALA A 168 -26.75 31.39 4.16
CA ALA A 168 -27.35 30.94 2.91
C ALA A 168 -26.66 29.68 2.41
N GLU A 169 -27.42 28.84 1.71
CA GLU A 169 -26.91 27.65 1.05
C GLU A 169 -26.88 27.95 -0.45
N SER A 170 -25.76 28.48 -0.91
CA SER A 170 -25.66 29.04 -2.26
C SER A 170 -25.16 28.05 -3.29
N ALA A 171 -24.88 26.81 -2.91
CA ALA A 171 -24.43 25.76 -3.83
C ALA A 171 -23.13 26.22 -4.49
N TYR A 172 -23.00 26.16 -5.81
CA TYR A 172 -21.84 26.69 -6.54
C TYR A 172 -20.54 25.99 -6.12
N ILE A 173 -20.49 24.68 -6.35
CA ILE A 173 -19.26 23.91 -6.25
C ILE A 173 -19.15 23.02 -7.48
N ASN A 174 -17.94 22.93 -8.03
CA ASN A 174 -17.70 22.15 -9.24
C ASN A 174 -16.51 21.24 -9.02
N ALA A 175 -16.61 20.01 -9.51
CA ALA A 175 -15.58 18.99 -9.30
C ALA A 175 -15.14 18.42 -10.64
N ASN A 176 -13.83 18.23 -10.78
CA ASN A 176 -13.23 17.64 -11.98
C ASN A 176 -12.57 16.32 -11.57
N VAL A 177 -13.23 15.21 -11.89
CA VAL A 177 -12.83 13.91 -11.39
C VAL A 177 -11.98 13.19 -12.42
N ARG A 178 -11.29 12.14 -11.99
CA ARG A 178 -10.52 11.28 -12.87
C ARG A 178 -10.48 9.89 -12.25
N TYR A 179 -10.69 8.86 -13.06
CA TYR A 179 -10.74 7.49 -12.55
C TYR A 179 -9.34 6.89 -12.52
N TYR A 180 -9.10 6.00 -11.58
CA TYR A 180 -7.82 5.32 -11.47
C TYR A 180 -8.04 3.84 -11.18
N ASN A 181 -7.05 3.03 -11.56
CA ASN A 181 -7.10 1.58 -11.43
C ASN A 181 -5.82 1.10 -10.78
N THR A 182 -5.92 0.54 -9.58
CA THR A 182 -4.76 0.01 -8.86
C THR A 182 -4.74 -1.51 -8.81
N GLY A 183 -5.55 -2.19 -9.62
CA GLY A 183 -5.62 -3.63 -9.63
C GLY A 183 -4.71 -4.24 -10.68
N THR A 184 -4.87 -5.56 -10.87
CA THR A 184 -4.10 -6.30 -11.86
C THR A 184 -4.85 -6.59 -13.14
N ALA A 185 -6.10 -6.18 -13.26
CA ALA A 185 -6.85 -6.47 -14.47
C ALA A 185 -7.51 -5.22 -15.01
N PRO A 186 -7.67 -5.12 -16.33
CA PRO A 186 -8.38 -3.98 -16.91
C PRO A 186 -9.89 -4.08 -16.71
N MET A 187 -10.56 -2.93 -16.71
CA MET A 187 -12.00 -2.85 -16.66
C MET A 187 -12.52 -2.20 -17.93
N TYR A 188 -13.62 -2.73 -18.44
CA TYR A 188 -14.25 -2.22 -19.66
C TYR A 188 -15.61 -1.65 -19.32
N LYS A 189 -15.94 -0.53 -19.96
CA LYS A 189 -17.22 0.17 -19.77
C LYS A 189 -17.42 0.55 -18.29
N VAL A 190 -16.49 1.34 -17.78
CA VAL A 190 -16.45 1.69 -16.36
C VAL A 190 -17.58 2.66 -16.05
N THR A 191 -18.44 2.29 -15.09
CA THR A 191 -19.54 3.14 -14.64
C THR A 191 -19.50 3.23 -13.12
N PRO A 192 -18.74 4.17 -12.57
CA PRO A 192 -18.63 4.28 -11.12
C PRO A 192 -19.81 5.03 -10.48
N THR A 193 -20.01 4.76 -9.20
CA THR A 193 -20.99 5.46 -8.37
C THR A 193 -20.25 6.02 -7.16
N THR A 194 -20.35 7.33 -6.94
CA THR A 194 -19.56 7.99 -5.91
C THR A 194 -20.43 8.84 -5.01
N ASN A 195 -19.92 9.07 -3.79
CA ASN A 195 -20.47 10.00 -2.83
C ASN A 195 -19.41 11.03 -2.50
N LEU A 196 -19.80 12.31 -2.55
CA LEU A 196 -18.93 13.42 -2.16
C LEU A 196 -19.36 13.87 -0.77
N VAL A 197 -18.61 13.47 0.26
CA VAL A 197 -18.98 13.69 1.64
C VAL A 197 -17.85 14.42 2.34
N LEU A 198 -18.22 15.36 3.24
CA LEU A 198 -17.21 16.14 3.94
C LEU A 198 -16.87 15.52 5.29
N ASP A 199 -17.85 15.43 6.19
CA ASP A 199 -17.68 14.74 7.46
C ASP A 199 -18.61 13.53 7.58
N GLY A 200 -19.91 13.72 7.46
CA GLY A 200 -20.86 12.63 7.41
C GLY A 200 -22.04 12.96 6.54
N GLU A 201 -21.96 14.09 5.85
CA GLU A 201 -23.09 14.61 5.06
C GLU A 201 -22.99 14.07 3.64
N THR A 202 -23.98 13.27 3.25
CA THR A 202 -24.06 12.75 1.88
C THR A 202 -24.76 13.81 1.03
N LEU A 203 -23.98 14.60 0.31
CA LEU A 203 -24.55 15.63 -0.56
C LEU A 203 -25.40 14.99 -1.66
N ALA A 204 -24.82 14.04 -2.38
CA ALA A 204 -25.55 13.32 -3.42
C ALA A 204 -24.83 12.01 -3.72
N THR A 205 -25.57 11.08 -4.32
CA THR A 205 -25.03 9.81 -4.78
C THR A 205 -25.01 9.87 -6.30
N ILE A 206 -23.86 10.25 -6.85
CA ILE A 206 -23.74 10.57 -8.26
C ILE A 206 -23.14 9.40 -9.02
N LYS A 207 -23.82 8.99 -10.09
CA LYS A 207 -23.42 7.85 -10.90
C LYS A 207 -23.21 8.30 -12.33
N ALA A 208 -22.10 7.85 -12.95
CA ALA A 208 -21.76 8.24 -14.30
C ALA A 208 -22.87 7.82 -15.27
N GLN A 209 -23.52 8.79 -15.91
CA GLN A 209 -24.76 8.48 -16.62
C GLN A 209 -24.50 7.93 -18.01
N ASP A 210 -23.97 8.75 -18.92
CA ASP A 210 -23.65 8.26 -20.26
C ASP A 210 -22.34 8.76 -20.83
N ASN A 211 -21.84 9.93 -20.42
CA ASN A 211 -20.63 10.49 -21.02
C ASN A 211 -19.40 10.31 -20.15
N GLN A 212 -19.58 9.96 -18.88
CA GLN A 212 -18.49 9.68 -17.97
C GLN A 212 -18.24 8.20 -17.82
N ILE A 213 -18.48 7.43 -18.88
CA ILE A 213 -18.19 6.00 -18.90
C ILE A 213 -16.88 5.81 -19.62
N GLY A 214 -15.91 5.20 -18.94
CA GLY A 214 -14.62 4.90 -19.56
C GLY A 214 -14.71 3.61 -20.36
N ASN A 215 -14.37 3.68 -21.63
CA ASN A 215 -14.47 2.51 -22.49
C ASN A 215 -13.55 1.40 -22.03
N ASN A 216 -12.33 1.76 -21.61
CA ASN A 216 -11.41 0.78 -21.05
C ASN A 216 -10.40 1.50 -20.17
N LEU A 217 -9.88 0.75 -19.19
CA LEU A 217 -9.04 1.34 -18.13
C LEU A 217 -8.05 0.27 -17.69
N SER A 218 -6.81 0.39 -18.16
CA SER A 218 -5.77 -0.56 -17.83
C SER A 218 -5.22 -0.32 -16.42
N PRO A 219 -4.59 -1.32 -15.82
CA PRO A 219 -3.93 -1.11 -14.53
C PRO A 219 -2.84 -0.05 -14.63
N ASN A 220 -2.69 0.72 -13.53
CA ASN A 220 -1.72 1.81 -13.43
C ASN A 220 -2.01 2.92 -14.42
N GLU A 221 -3.25 3.03 -14.88
CA GLU A 221 -3.64 4.05 -15.84
C GLU A 221 -4.92 4.73 -15.37
N THR A 222 -5.20 5.89 -15.95
CA THR A 222 -6.33 6.71 -15.56
C THR A 222 -7.22 6.97 -16.77
N TYR A 223 -8.47 7.34 -16.50
CA TYR A 223 -9.37 7.83 -17.53
C TYR A 223 -9.83 9.23 -17.16
N PRO A 224 -9.57 10.25 -17.99
CA PRO A 224 -8.80 10.16 -19.23
C PRO A 224 -7.31 9.96 -18.99
N LYS A 225 -6.61 9.38 -19.96
CA LYS A 225 -5.20 9.05 -19.81
C LYS A 225 -4.39 10.29 -19.46
N LYS A 226 -3.18 10.06 -18.93
CA LYS A 226 -2.30 11.16 -18.57
C LYS A 226 -1.98 11.99 -19.80
N GLY A 227 -2.09 13.31 -19.65
CA GLY A 227 -1.99 14.23 -20.75
C GLY A 227 -3.32 14.74 -21.28
N LEU A 228 -4.42 14.41 -20.60
CA LEU A 228 -5.74 14.88 -20.98
C LEU A 228 -6.38 15.61 -19.81
N SER A 229 -7.29 16.52 -20.14
CA SER A 229 -7.94 17.32 -19.12
C SER A 229 -8.85 16.46 -18.25
N PRO A 230 -8.97 16.78 -16.96
CA PRO A 230 -9.80 15.96 -16.08
C PRO A 230 -11.27 16.02 -16.45
N LEU A 231 -11.94 14.90 -16.23
CA LEU A 231 -13.37 14.78 -16.54
C LEU A 231 -14.21 15.57 -15.54
N ALA A 232 -15.31 16.10 -16.03
CA ALA A 232 -16.26 16.83 -15.19
C ALA A 232 -17.61 16.13 -15.26
N LEU A 233 -18.18 15.82 -14.10
CA LEU A 233 -19.42 15.06 -14.01
C LEU A 233 -20.55 15.95 -13.50
N ASN A 234 -21.71 15.84 -14.14
CA ASN A 234 -22.86 16.68 -13.84
C ASN A 234 -24.12 16.21 -14.56
N ILE A 244 -23.27 21.67 -6.73
CA ILE A 244 -23.92 20.87 -5.71
C ILE A 244 -24.18 21.75 -4.48
N PRO A 245 -25.39 21.66 -3.92
CA PRO A 245 -25.73 22.52 -2.78
C PRO A 245 -24.78 22.32 -1.60
N ILE A 246 -24.42 23.44 -0.98
CA ILE A 246 -23.58 23.43 0.21
C ILE A 246 -23.98 24.60 1.09
N ASN A 247 -24.18 24.33 2.38
CA ASN A 247 -24.67 25.31 3.32
C ASN A 247 -23.51 25.91 4.12
N TYR A 248 -23.83 26.95 4.90
CA TYR A 248 -22.81 27.69 5.61
C TYR A 248 -22.11 26.83 6.67
N ASP A 249 -22.85 25.96 7.34
CA ASP A 249 -22.27 25.16 8.41
C ASP A 249 -21.13 24.28 7.90
N GLN A 250 -21.41 23.45 6.91
CA GLN A 250 -20.38 22.58 6.36
C GLN A 250 -19.34 23.36 5.56
N LEU A 251 -19.72 24.53 5.03
CA LEU A 251 -18.75 25.36 4.35
C LEU A 251 -17.68 25.85 5.32
N LYS A 252 -18.10 26.31 6.51
CA LYS A 252 -17.14 26.73 7.52
C LYS A 252 -16.42 25.53 8.14
N LYS A 253 -17.07 24.37 8.18
CA LYS A 253 -16.38 23.15 8.57
C LYS A 253 -15.21 22.87 7.63
N LEU A 254 -15.45 22.98 6.32
CA LEU A 254 -14.37 22.86 5.35
C LEU A 254 -13.33 23.96 5.53
N ASP A 255 -13.77 25.16 5.92
CA ASP A 255 -12.83 26.25 6.16
C ASP A 255 -11.94 26.00 7.36
N SER A 256 -12.35 25.14 8.29
CA SER A 256 -11.62 24.93 9.54
C SER A 256 -11.19 23.47 9.65
N GLY A 257 -10.04 23.16 9.07
CA GLY A 257 -9.39 21.87 9.29
C GLY A 257 -10.20 20.66 8.88
N LYS A 258 -10.84 20.70 7.72
CA LYS A 258 -11.54 19.53 7.19
C LYS A 258 -11.24 19.39 5.71
N GLN A 259 -11.11 18.15 5.26
CA GLN A 259 -10.87 17.83 3.86
C GLN A 259 -12.03 17.02 3.33
N ILE A 260 -12.56 17.42 2.18
CA ILE A 260 -13.69 16.70 1.59
C ILE A 260 -13.19 15.38 0.99
N LYS A 261 -14.04 14.38 1.01
CA LYS A 261 -13.68 13.03 0.58
C LYS A 261 -14.63 12.56 -0.50
N LEU A 262 -14.11 11.73 -1.39
CA LEU A 262 -14.88 11.23 -2.53
C LEU A 262 -14.76 9.71 -2.55
N GLU A 263 -15.83 9.02 -2.18
CA GLU A 263 -15.79 7.57 -2.00
C GLU A 263 -16.64 6.88 -3.06
N THR A 264 -16.04 5.91 -3.75
CA THR A 264 -16.77 5.12 -4.73
C THR A 264 -17.42 3.95 -4.01
N THR A 265 -18.76 3.93 -4.02
CA THR A 265 -19.48 2.84 -3.36
C THR A 265 -19.45 1.58 -4.21
N GLN A 266 -19.52 1.72 -5.53
CA GLN A 266 -19.46 0.57 -6.42
C GLN A 266 -19.06 1.05 -7.82
N VAL A 267 -18.46 0.14 -8.58
CA VAL A 267 -18.11 0.37 -9.97
C VAL A 267 -18.56 -0.85 -10.76
N SER A 268 -19.23 -0.61 -11.88
CA SER A 268 -19.67 -1.67 -12.77
C SER A 268 -18.82 -1.68 -14.02
N GLY A 269 -18.39 -2.87 -14.44
CA GLY A 269 -17.55 -3.00 -15.60
C GLY A 269 -17.42 -4.45 -16.00
N ASN A 270 -16.67 -4.68 -17.07
CA ASN A 270 -16.61 -5.99 -17.69
C ASN A 270 -15.18 -6.48 -17.82
N TYR A 271 -15.05 -7.76 -18.19
CA TYR A 271 -13.77 -8.39 -18.47
C TYR A 271 -13.84 -9.07 -19.83
N GLY A 272 -12.67 -9.32 -20.42
CA GLY A 272 -12.61 -9.91 -21.75
C GLY A 272 -12.40 -11.41 -21.71
N THR A 273 -13.06 -12.10 -22.64
CA THR A 273 -12.92 -13.55 -22.78
C THR A 273 -13.02 -13.91 -24.26
N LYS A 274 -12.50 -15.09 -24.60
CA LYS A 274 -12.41 -15.50 -26.00
C LYS A 274 -13.67 -16.24 -26.44
N ASN A 275 -14.10 -15.98 -27.66
CA ASN A 275 -15.22 -16.71 -28.26
C ASN A 275 -14.77 -18.07 -28.76
N SER A 276 -15.75 -18.85 -29.24
CA SER A 276 -15.45 -20.02 -30.05
C SER A 276 -14.87 -19.63 -31.40
N GLN A 277 -15.16 -18.42 -31.88
CA GLN A 277 -14.55 -17.88 -33.09
C GLN A 277 -13.20 -17.21 -32.81
N GLY A 278 -12.81 -17.08 -31.54
CA GLY A 278 -11.53 -16.53 -31.17
C GLY A 278 -11.51 -15.05 -30.89
N GLN A 279 -12.64 -14.37 -31.01
CA GLN A 279 -12.71 -12.95 -30.74
C GLN A 279 -12.74 -12.69 -29.24
N ILE A 280 -12.49 -11.44 -28.86
CA ILE A 280 -12.56 -10.99 -27.48
C ILE A 280 -13.89 -10.29 -27.29
N ILE A 281 -14.64 -10.69 -26.27
CA ILE A 281 -15.93 -10.09 -25.95
C ILE A 281 -15.89 -9.61 -24.52
N THR A 282 -16.64 -8.54 -24.23
CA THR A 282 -16.78 -8.02 -22.88
C THR A 282 -18.24 -7.80 -22.49
N GLU A 283 -19.19 -8.12 -23.35
CA GLU A 283 -20.59 -7.84 -23.07
C GLU A 283 -21.23 -9.04 -22.41
N GLY A 284 -21.85 -8.80 -21.25
CA GLY A 284 -22.34 -9.86 -20.41
C GLY A 284 -21.34 -10.40 -19.42
N ASN A 285 -20.09 -9.96 -19.49
CA ASN A 285 -19.01 -10.45 -18.63
C ASN A 285 -18.83 -9.48 -17.47
N SER A 286 -19.82 -9.43 -16.60
CA SER A 286 -19.86 -8.46 -15.51
C SER A 286 -18.84 -8.83 -14.43
N TRP A 287 -18.06 -7.82 -13.99
CA TRP A 287 -17.09 -8.00 -12.91
C TRP A 287 -17.74 -8.18 -11.56
N SER A 288 -19.03 -7.84 -11.41
CA SER A 288 -19.73 -7.98 -10.15
C SER A 288 -20.12 -9.41 -9.82
N ASN A 289 -20.13 -10.31 -10.80
CA ASN A 289 -20.38 -11.71 -10.57
C ASN A 289 -19.27 -12.39 -9.79
N TYR A 290 -18.12 -11.75 -9.67
CA TYR A 290 -16.94 -12.36 -9.06
C TYR A 290 -16.41 -11.59 -7.86
N ILE A 291 -16.86 -10.37 -7.61
CA ILE A 291 -16.28 -9.51 -6.58
C ILE A 291 -16.45 -10.12 -5.20
N SER A 292 -17.68 -10.55 -4.87
CA SER A 292 -17.94 -11.09 -3.55
C SER A 292 -17.22 -12.41 -3.33
N GLN A 293 -17.07 -13.21 -4.38
CA GLN A 293 -16.38 -14.49 -4.29
C GLN A 293 -14.88 -14.31 -4.07
N ILE A 294 -14.26 -13.38 -4.81
CA ILE A 294 -12.84 -13.10 -4.64
C ILE A 294 -12.58 -12.50 -3.26
N ASP A 295 -13.44 -11.57 -2.83
CA ASP A 295 -13.21 -10.90 -1.55
C ASP A 295 -13.35 -11.85 -0.36
N SER A 296 -14.01 -12.99 -0.54
CA SER A 296 -14.30 -13.90 0.56
C SER A 296 -13.37 -15.11 0.62
N VAL A 297 -12.41 -15.20 -0.29
CA VAL A 297 -11.59 -16.40 -0.40
C VAL A 297 -10.11 -16.00 -0.42
N SER A 298 -9.82 -14.77 -0.01
CA SER A 298 -8.48 -14.23 -0.18
C SER A 298 -8.15 -13.26 0.94
N ALA A 299 -6.89 -12.84 0.97
CA ALA A 299 -6.38 -11.80 1.86
C ALA A 299 -5.96 -10.59 1.04
N SER A 300 -6.05 -9.41 1.66
CA SER A 300 -5.84 -8.14 0.99
C SER A 300 -4.51 -7.51 1.40
N ILE A 301 -3.71 -7.12 0.42
CA ILE A 301 -2.41 -6.50 0.64
C ILE A 301 -2.34 -5.22 -0.18
N ILE A 302 -1.80 -4.15 0.41
CA ILE A 302 -1.62 -2.88 -0.26
C ILE A 302 -0.16 -2.48 -0.13
N LEU A 303 0.43 -1.99 -1.22
CA LEU A 303 1.78 -1.46 -1.23
C LEU A 303 1.75 -0.02 -1.71
N ASP A 304 2.30 0.89 -0.91
CA ASP A 304 2.33 2.31 -1.23
C ASP A 304 3.79 2.77 -1.21
N THR A 305 4.35 3.01 -2.40
CA THR A 305 5.74 3.42 -2.54
C THR A 305 5.93 4.92 -2.37
N GLY A 306 4.85 5.67 -2.14
CA GLY A 306 4.92 7.11 -1.98
C GLY A 306 4.50 7.90 -3.20
N SER A 307 4.49 7.27 -4.36
CA SER A 307 4.03 7.90 -5.59
C SER A 307 2.94 7.10 -6.30
N GLN A 308 3.01 5.77 -6.25
CA GLN A 308 2.01 4.91 -6.86
C GLN A 308 1.64 3.81 -5.88
N THR A 309 0.36 3.43 -5.90
CA THR A 309 -0.20 2.50 -4.94
C THR A 309 -0.78 1.28 -5.65
N PHE A 310 -0.57 0.10 -5.06
CA PHE A 310 -1.03 -1.16 -5.63
C PHE A 310 -1.83 -1.92 -4.59
N GLU A 311 -2.94 -2.54 -5.02
CA GLU A 311 -3.78 -3.35 -4.15
C GLU A 311 -3.95 -4.72 -4.77
N ARG A 312 -3.70 -5.77 -3.97
CA ARG A 312 -3.71 -7.14 -4.45
C ARG A 312 -4.51 -8.03 -3.52
N ARG A 313 -5.11 -9.07 -4.09
CA ARG A 313 -5.80 -10.11 -3.36
C ARG A 313 -5.11 -11.43 -3.62
N VAL A 314 -4.75 -12.15 -2.55
CA VAL A 314 -4.03 -13.42 -2.66
C VAL A 314 -4.87 -14.50 -1.99
N ALA A 315 -5.12 -15.59 -2.73
CA ALA A 315 -5.98 -16.66 -2.23
C ALA A 315 -5.36 -17.33 -1.02
N ALA A 316 -6.21 -17.74 -0.08
CA ALA A 316 -5.76 -18.40 1.13
C ALA A 316 -6.75 -19.49 1.51
N LYS A 317 -6.33 -20.33 2.46
CA LYS A 317 -7.10 -21.48 2.91
C LYS A 317 -8.02 -21.08 4.05
N GLU A 318 -9.19 -21.74 4.11
CA GLU A 318 -10.05 -21.61 5.28
C GLU A 318 -9.74 -22.72 6.27
N GLN A 319 -9.69 -22.35 7.56
CA GLN A 319 -9.09 -23.24 8.56
C GLN A 319 -9.96 -24.47 8.83
N GLY A 320 -11.28 -24.31 8.84
CA GLY A 320 -12.14 -25.42 9.22
C GLY A 320 -12.14 -26.55 8.21
N ASN A 321 -12.15 -26.23 6.93
CA ASN A 321 -12.40 -27.22 5.89
C ASN A 321 -11.21 -28.15 5.70
N PRO A 322 -11.37 -29.47 5.88
CA PRO A 322 -10.29 -30.40 5.53
C PRO A 322 -10.20 -30.72 4.05
N GLU A 323 -11.21 -30.34 3.26
CA GLU A 323 -11.23 -30.59 1.83
C GLU A 323 -10.84 -29.36 1.02
N ASP A 324 -10.27 -28.35 1.67
CA ASP A 324 -9.77 -27.17 0.99
C ASP A 324 -8.28 -27.38 0.70
N LYS A 325 -7.93 -27.41 -0.58
CA LYS A 325 -6.58 -27.76 -1.01
C LYS A 325 -5.78 -26.57 -1.49
N THR A 326 -6.15 -25.36 -1.09
CA THR A 326 -5.40 -24.18 -1.48
C THR A 326 -4.02 -24.22 -0.83
N PRO A 327 -2.94 -24.02 -1.59
CA PRO A 327 -1.60 -24.06 -1.00
C PRO A 327 -1.41 -22.99 0.07
N GLU A 328 -0.61 -23.31 1.07
CA GLU A 328 -0.34 -22.42 2.18
C GLU A 328 1.05 -21.81 1.99
N ILE A 329 1.11 -20.48 1.99
CA ILE A 329 2.34 -19.73 1.80
C ILE A 329 2.46 -18.70 2.91
N THR A 330 3.67 -18.19 3.10
CA THR A 330 3.93 -17.21 4.13
C THR A 330 3.64 -15.80 3.62
N ILE A 331 3.84 -14.82 4.50
CA ILE A 331 3.58 -13.42 4.14
C ILE A 331 4.62 -12.92 3.15
N GLY A 332 5.89 -13.28 3.33
CA GLY A 332 6.91 -12.86 2.39
C GLY A 332 6.73 -13.47 1.02
N GLU A 333 6.36 -14.76 0.97
CA GLU A 333 6.05 -15.40 -0.31
C GLU A 333 4.86 -14.74 -0.98
N ALA A 334 3.84 -14.39 -0.19
CA ALA A 334 2.68 -13.71 -0.73
C ALA A 334 3.05 -12.35 -1.32
N ILE A 335 3.89 -11.59 -0.61
CA ILE A 335 4.31 -10.28 -1.09
C ILE A 335 5.11 -10.42 -2.39
N LYS A 336 6.03 -11.39 -2.42
CA LYS A 336 6.83 -11.59 -3.63
C LYS A 336 5.97 -12.00 -4.81
N LYS A 337 5.02 -12.92 -4.61
CA LYS A 337 4.14 -13.34 -5.69
C LYS A 337 3.24 -12.20 -6.15
N ALA A 338 2.72 -11.41 -5.20
CA ALA A 338 1.71 -10.41 -5.54
C ALA A 338 2.32 -9.20 -6.23
N PHE A 339 3.48 -8.74 -5.78
CA PHE A 339 4.05 -7.51 -6.31
C PHE A 339 5.23 -7.73 -7.23
N SER A 340 5.53 -8.98 -7.59
CA SER A 340 6.65 -9.31 -8.47
C SER A 340 7.97 -8.74 -7.95
N ALA A 341 8.18 -8.84 -6.64
CA ALA A 341 9.43 -8.42 -6.06
C ALA A 341 10.53 -9.41 -6.41
N THR A 342 11.77 -8.94 -6.33
CA THR A 342 12.94 -9.75 -6.66
C THR A 342 13.69 -10.10 -5.38
N LYS A 343 13.96 -11.38 -5.19
CA LYS A 343 14.66 -11.86 -4.00
C LYS A 343 16.15 -11.85 -4.29
N ASN A 344 16.84 -10.83 -3.78
CA ASN A 344 18.29 -10.68 -3.99
C ASN A 344 18.97 -11.13 -2.70
N GLY A 345 19.33 -12.41 -2.65
CA GLY A 345 19.87 -12.98 -1.43
C GLY A 345 18.78 -13.49 -0.52
N GLU A 346 18.41 -12.68 0.47
CA GLU A 346 17.31 -13.01 1.37
C GLU A 346 16.35 -11.85 1.55
N LEU A 347 16.52 -10.76 0.79
CA LEU A 347 15.70 -9.57 0.91
C LEU A 347 14.99 -9.29 -0.41
N LEU A 348 13.77 -8.77 -0.31
CA LEU A 348 12.97 -8.45 -1.47
C LEU A 348 13.19 -7.00 -1.90
N TYR A 349 13.24 -6.79 -3.21
CA TYR A 349 13.40 -5.47 -3.80
C TYR A 349 12.29 -5.25 -4.82
N PHE A 350 11.62 -4.12 -4.72
CA PHE A 350 10.57 -3.73 -5.67
C PHE A 350 11.10 -2.59 -6.54
N ASN A 351 11.56 -2.94 -7.75
CA ASN A 351 12.18 -1.98 -8.66
C ASN A 351 13.34 -1.25 -8.01
N GLY A 352 14.10 -1.98 -7.18
CA GLY A 352 15.23 -1.44 -6.48
C GLY A 352 14.95 -0.97 -5.07
N ILE A 353 13.71 -0.60 -4.78
CA ILE A 353 13.33 -0.16 -3.43
C ILE A 353 13.29 -1.37 -2.52
N PRO A 354 14.01 -1.36 -1.40
CA PRO A 354 13.90 -2.48 -0.45
C PRO A 354 12.57 -2.45 0.28
N ILE A 355 11.91 -3.61 0.33
CA ILE A 355 10.60 -3.71 0.97
C ILE A 355 10.62 -4.79 2.04
N ASP A 356 11.78 -5.03 2.63
CA ASP A 356 11.87 -5.98 3.73
C ASP A 356 11.18 -5.42 4.97
N GLU A 357 10.82 -6.31 5.90
CA GLU A 357 10.05 -5.92 7.06
C GLU A 357 10.79 -4.92 7.95
N SER A 358 12.11 -4.85 7.84
CA SER A 358 12.90 -3.88 8.57
C SER A 358 13.18 -2.61 7.78
N CYS A 359 12.67 -2.51 6.55
CA CYS A 359 12.93 -1.36 5.69
C CYS A 359 11.67 -0.60 5.29
N VAL A 360 10.50 -1.01 5.76
CA VAL A 360 9.24 -0.35 5.44
C VAL A 360 8.42 -0.22 6.72
N GLU A 361 7.20 0.29 6.59
CA GLU A 361 6.27 0.37 7.71
C GLU A 361 5.09 -0.56 7.43
N LEU A 362 4.87 -1.50 8.34
CA LEU A 362 3.78 -2.47 8.21
C LEU A 362 2.62 -2.06 9.11
N ILE A 363 1.44 -1.93 8.52
CA ILE A 363 0.23 -1.55 9.23
C ILE A 363 -0.80 -2.65 9.07
N PHE A 364 -1.38 -3.08 10.18
CA PHE A 364 -2.39 -4.13 10.19
C PHE A 364 -3.62 -3.60 10.92
N ASP A 365 -4.76 -4.20 10.63
CA ASP A 365 -5.95 -3.94 11.43
C ASP A 365 -5.83 -4.74 12.73
N ASP A 366 -6.89 -4.74 13.54
CA ASP A 366 -6.80 -5.38 14.85
C ASP A 366 -6.68 -6.90 14.71
N ASN A 367 -7.50 -7.49 13.85
CA ASN A 367 -7.53 -8.95 13.75
C ASN A 367 -6.22 -9.50 13.19
N THR A 368 -5.68 -8.87 12.14
CA THR A 368 -4.42 -9.34 11.57
C THR A 368 -3.29 -9.21 12.56
N SER A 369 -3.24 -8.10 13.30
CA SER A 369 -2.20 -7.92 14.31
C SER A 369 -2.32 -8.98 15.40
N GLU A 370 -3.55 -9.28 15.83
CA GLU A 370 -3.74 -10.32 16.84
C GLU A 370 -3.28 -11.68 16.33
N ILE A 371 -3.61 -12.02 15.09
CA ILE A 371 -3.21 -13.30 14.53
C ILE A 371 -1.69 -13.39 14.43
N ILE A 372 -1.05 -12.31 13.96
CA ILE A 372 0.41 -12.31 13.83
C ILE A 372 1.06 -12.43 15.19
N LYS A 373 0.55 -11.73 16.19
CA LYS A 373 1.10 -11.82 17.53
C LYS A 373 0.95 -13.23 18.10
N GLU A 374 -0.20 -13.87 17.86
CA GLU A 374 -0.39 -15.23 18.33
C GLU A 374 0.57 -16.19 17.64
N GLN A 375 0.78 -16.03 16.34
CA GLN A 375 1.65 -16.94 15.61
C GLN A 375 3.13 -16.69 15.91
N LEU A 376 3.49 -15.48 16.34
CA LEU A 376 4.89 -15.18 16.59
C LEU A 376 5.44 -15.85 17.83
N LYS A 377 4.56 -16.31 18.74
CA LYS A 377 5.03 -16.94 19.96
C LYS A 377 5.77 -18.24 19.67
N TYR A 378 5.26 -19.03 18.73
CA TYR A 378 5.84 -20.33 18.39
C TYR A 378 6.87 -20.25 17.27
N LEU A 379 7.16 -19.06 16.77
CA LEU A 379 8.09 -18.89 15.66
C LEU A 379 9.45 -18.49 16.22
N ASP A 380 10.48 -19.30 15.93
CA ASP A 380 11.81 -19.00 16.44
C ASP A 380 12.46 -17.85 15.70
N ASP A 381 12.08 -17.62 14.44
CA ASP A 381 12.69 -16.56 13.66
C ASP A 381 12.19 -15.18 14.08
N LYS A 382 10.96 -15.11 14.61
CA LYS A 382 10.37 -13.86 15.09
C LYS A 382 10.30 -12.81 13.99
N LYS A 383 9.95 -13.24 12.78
CA LYS A 383 9.78 -12.35 11.64
C LYS A 383 8.34 -12.40 11.17
N ILE A 384 7.80 -11.23 10.83
CA ILE A 384 6.43 -11.15 10.34
C ILE A 384 6.29 -11.89 9.02
N TYR A 385 7.31 -11.81 8.16
CA TYR A 385 7.25 -12.40 6.84
C TYR A 385 7.26 -13.93 6.85
N ASN A 386 7.56 -14.54 7.99
CA ASN A 386 7.53 -15.99 8.12
C ASN A 386 6.23 -16.51 8.71
N VAL A 387 5.29 -15.62 9.01
CA VAL A 387 3.98 -16.03 9.52
C VAL A 387 3.09 -16.44 8.36
N LYS A 388 2.37 -17.54 8.52
CA LYS A 388 1.53 -18.05 7.44
C LYS A 388 0.42 -17.04 7.10
N LEU A 389 0.08 -16.99 5.82
CA LEU A 389 -0.98 -16.09 5.34
C LEU A 389 -2.33 -16.79 5.46
N GLU A 390 -3.32 -16.04 5.94
CA GLU A 390 -4.66 -16.56 6.14
C GLU A 390 -5.68 -15.61 5.54
N ARG A 391 -6.81 -16.16 5.10
CA ARG A 391 -7.84 -15.35 4.47
C ARG A 391 -8.51 -14.46 5.50
N GLY A 392 -8.94 -13.29 5.05
CA GLY A 392 -9.46 -12.27 5.94
C GLY A 392 -8.43 -11.30 6.46
N MET A 393 -7.15 -11.51 6.16
CA MET A 393 -6.10 -10.61 6.62
C MET A 393 -6.19 -9.27 5.89
N ASN A 394 -5.47 -8.29 6.42
CA ASN A 394 -5.40 -6.96 5.82
C ASN A 394 -4.02 -6.37 6.13
N ILE A 395 -3.20 -6.18 5.10
CA ILE A 395 -1.82 -5.73 5.28
C ILE A 395 -1.61 -4.47 4.45
N LEU A 396 -0.95 -3.47 5.04
CA LEU A 396 -0.55 -2.27 4.33
C LEU A 396 0.94 -2.06 4.51
N ILE A 397 1.64 -1.79 3.42
CA ILE A 397 3.07 -1.53 3.41
C ILE A 397 3.29 -0.10 2.96
N LYS A 398 4.00 0.67 3.78
CA LYS A 398 4.34 2.06 3.48
C LYS A 398 5.83 2.14 3.28
N VAL A 399 6.26 2.46 2.06
CA VAL A 399 7.69 2.59 1.80
C VAL A 399 8.17 3.95 2.31
N PRO A 400 9.24 4.01 3.10
CA PRO A 400 9.66 5.29 3.67
C PRO A 400 10.07 6.29 2.59
N SER A 401 9.84 7.56 2.89
CA SER A 401 10.28 8.61 1.97
C SER A 401 11.80 8.64 1.86
N TYR A 402 12.50 8.51 2.99
CA TYR A 402 13.95 8.44 2.98
C TYR A 402 14.38 7.23 3.80
N PHE A 403 15.43 6.54 3.34
CA PHE A 403 15.88 5.34 4.04
C PHE A 403 17.36 5.14 3.79
N THR A 404 18.10 4.87 4.88
CA THR A 404 19.51 4.53 4.80
C THR A 404 19.78 3.28 5.63
N ASN A 405 20.60 2.38 5.07
CA ASN A 405 21.00 1.16 5.76
C ASN A 405 22.51 1.01 5.86
N PHE A 406 23.27 2.00 5.39
CA PHE A 406 24.73 2.03 5.51
C PHE A 406 25.41 0.89 4.76
N ASP A 407 24.68 0.16 3.92
CA ASP A 407 25.27 -0.97 3.20
C ASP A 407 25.39 -0.69 1.71
N GLU A 408 24.27 -0.46 1.03
CA GLU A 408 24.28 -0.11 -0.38
C GLU A 408 23.29 0.98 -0.76
N TYR A 409 22.34 1.31 0.10
CA TYR A 409 21.23 2.19 -0.24
C TYR A 409 21.24 3.41 0.68
N ASN A 410 21.20 4.60 0.10
CA ASN A 410 21.10 5.83 0.88
C ASN A 410 20.48 6.89 -0.03
N ASN A 411 19.20 7.20 0.21
CA ASN A 411 18.50 8.21 -0.57
C ASN A 411 18.16 9.44 0.25
N PHE A 412 18.79 9.61 1.41
CA PHE A 412 18.56 10.81 2.21
C PHE A 412 19.05 12.04 1.45
N PRO A 413 18.28 13.14 1.48
CA PRO A 413 18.71 14.34 0.73
C PRO A 413 20.04 14.91 1.20
N ALA A 414 20.33 14.84 2.50
CA ALA A 414 21.57 15.34 3.06
C ALA A 414 22.26 14.22 3.83
N SER A 415 23.55 14.04 3.59
CA SER A 415 24.31 12.99 4.25
C SER A 415 24.38 13.24 5.75
N TRP A 416 24.34 12.16 6.53
CA TRP A 416 24.45 12.26 7.97
C TRP A 416 25.86 12.67 8.37
N SER A 417 25.97 13.22 9.57
CA SER A 417 27.25 13.63 10.13
C SER A 417 27.80 12.52 11.03
N ASN A 418 29.13 12.38 11.02
CA ASN A 418 29.84 11.40 11.85
C ASN A 418 29.36 9.97 11.54
N ILE A 419 29.58 9.55 10.30
CA ILE A 419 29.20 8.23 9.83
C ILE A 419 30.41 7.31 9.92
N ASP A 420 30.26 6.19 10.62
CA ASP A 420 31.32 5.20 10.78
C ASP A 420 30.80 3.84 10.32
N THR A 421 31.14 3.47 9.10
CA THR A 421 30.73 2.18 8.54
C THR A 421 31.76 1.09 8.75
N LYS A 422 32.83 1.37 9.49
CA LYS A 422 33.90 0.39 9.73
C LYS A 422 33.45 -0.59 10.82
N ASN A 423 32.39 -1.32 10.50
CA ASN A 423 31.81 -2.29 11.42
C ASN A 423 31.31 -3.48 10.63
N GLN A 424 31.09 -4.59 11.34
CA GLN A 424 30.48 -5.78 10.74
C GLN A 424 29.36 -6.33 11.60
N ASP A 425 28.81 -5.53 12.52
CA ASP A 425 27.77 -5.96 13.45
C ASP A 425 26.43 -5.31 13.11
N GLY A 426 26.14 -5.17 11.83
CA GLY A 426 24.90 -4.55 11.41
C GLY A 426 23.72 -5.49 11.44
N LEU A 427 22.54 -4.91 11.20
CA LEU A 427 21.32 -5.72 11.15
C LEU A 427 21.35 -6.67 9.97
N GLN A 428 21.83 -6.21 8.81
CA GLN A 428 22.01 -7.08 7.65
C GLN A 428 23.48 -7.23 7.27
N SER A 429 24.17 -6.14 6.95
CA SER A 429 25.57 -6.22 6.56
C SER A 429 26.50 -5.48 7.52
N VAL A 430 26.32 -4.18 7.70
CA VAL A 430 27.14 -3.37 8.60
C VAL A 430 26.24 -2.38 9.31
N ALA A 431 26.78 -1.75 10.35
CA ALA A 431 26.06 -0.78 11.16
C ALA A 431 26.83 0.53 11.21
N ASN A 432 26.32 1.45 12.03
CA ASN A 432 26.95 2.73 12.28
C ASN A 432 27.28 2.83 13.77
N LYS A 433 28.53 3.15 14.08
CA LYS A 433 28.99 3.23 15.47
C LYS A 433 28.76 4.65 15.97
N LEU A 434 27.76 4.80 16.83
CA LEU A 434 27.46 6.08 17.46
C LEU A 434 28.33 6.24 18.70
N SER A 435 29.33 7.10 18.59
CA SER A 435 30.17 7.54 19.72
C SER A 435 30.22 9.06 19.65
N GLY A 436 29.22 9.71 20.24
CA GLY A 436 29.08 11.14 20.14
C GLY A 436 27.68 11.56 19.75
N GLU A 437 27.56 12.35 18.67
CA GLU A 437 26.25 12.78 18.20
C GLU A 437 26.21 12.73 16.69
N THR A 438 25.02 12.48 16.15
CA THR A 438 24.76 12.50 14.72
C THR A 438 23.60 13.45 14.45
N LYS A 439 23.84 14.44 13.59
CA LYS A 439 22.83 15.44 13.27
C LYS A 439 22.59 15.47 11.77
N ILE A 440 21.32 15.55 11.39
CA ILE A 440 20.92 15.66 9.99
C ILE A 440 19.97 16.84 9.83
N ILE A 441 20.15 17.57 8.73
CA ILE A 441 19.33 18.72 8.37
C ILE A 441 18.59 18.37 7.09
N ILE A 442 17.29 18.70 7.06
CA ILE A 442 16.45 18.43 5.90
C ILE A 442 15.75 19.72 5.49
N PRO A 443 16.01 20.24 4.29
CA PRO A 443 15.27 21.41 3.82
C PRO A 443 13.79 21.08 3.66
N MET A 444 12.96 22.10 3.90
CA MET A 444 11.51 21.89 3.86
C MET A 444 11.02 21.62 2.45
N SER A 445 11.79 22.01 1.44
CA SER A 445 11.42 21.74 0.06
C SER A 445 11.43 20.25 -0.26
N LYS A 446 12.09 19.43 0.55
CA LYS A 446 12.15 17.99 0.35
C LYS A 446 11.03 17.26 1.08
N LEU A 447 10.13 17.99 1.75
CA LEU A 447 9.01 17.39 2.46
C LEU A 447 7.72 18.10 2.07
N LYS A 448 6.61 17.39 2.17
CA LYS A 448 5.32 17.99 1.86
C LYS A 448 4.76 18.70 3.08
N PRO A 449 4.29 19.93 2.94
CA PRO A 449 3.80 20.69 4.11
C PRO A 449 2.51 20.11 4.68
N TYR A 450 2.30 20.37 5.96
CA TYR A 450 1.11 19.93 6.70
C TYR A 450 0.94 18.42 6.60
N LYS A 451 1.99 17.70 7.03
CA LYS A 451 2.01 16.25 7.02
C LYS A 451 2.52 15.75 8.36
N ARG A 452 2.16 14.51 8.69
CA ARG A 452 2.71 13.83 9.85
C ARG A 452 3.75 12.81 9.38
N TYR A 453 4.93 12.85 9.98
CA TYR A 453 6.01 11.96 9.60
C TYR A 453 6.44 11.14 10.81
N VAL A 454 7.08 10.01 10.52
CA VAL A 454 7.66 9.15 11.54
C VAL A 454 9.10 8.85 11.15
N PHE A 455 10.02 9.10 12.09
CA PHE A 455 11.42 8.72 11.97
C PHE A 455 11.64 7.46 12.79
N SER A 456 12.11 6.40 12.13
CA SER A 456 12.24 5.09 12.74
C SER A 456 13.65 4.55 12.50
N GLY A 457 14.05 3.64 13.37
CA GLY A 457 15.37 3.05 13.23
C GLY A 457 15.52 1.84 14.13
N TYR A 458 16.69 1.19 14.01
CA TYR A 458 17.04 0.04 14.82
C TYR A 458 18.33 0.36 15.58
N SER A 459 18.34 0.03 16.88
CA SER A 459 19.45 0.36 17.75
C SER A 459 19.85 -0.84 18.58
N LYS A 460 21.12 -0.87 18.99
CA LYS A 460 21.65 -1.96 19.80
C LYS A 460 22.75 -1.44 20.71
N ASP A 461 22.70 -1.87 21.97
CA ASP A 461 23.76 -1.59 22.94
C ASP A 461 24.21 -2.89 23.56
N PRO A 462 25.34 -3.46 23.11
CA PRO A 462 25.79 -4.75 23.66
C PRO A 462 26.07 -4.70 25.16
N SER A 463 26.55 -3.58 25.67
CA SER A 463 26.88 -3.48 27.09
C SER A 463 25.67 -3.22 27.97
N THR A 464 24.54 -2.82 27.38
CA THR A 464 23.31 -2.55 28.14
C THR A 464 23.54 -1.54 29.26
N SER A 465 24.33 -0.50 28.96
CA SER A 465 24.65 0.51 29.96
C SER A 465 24.43 1.91 29.44
N ASN A 466 24.51 2.10 28.12
CA ASN A 466 24.43 3.42 27.52
C ASN A 466 22.99 3.84 27.31
N SER A 467 22.81 5.12 26.98
CA SER A 467 21.51 5.70 26.73
C SER A 467 21.61 6.65 25.55
N ILE A 468 20.47 6.88 24.89
CA ILE A 468 20.39 7.74 23.72
C ILE A 468 19.33 8.81 23.95
N THR A 469 19.66 10.04 23.57
CA THR A 469 18.70 11.13 23.53
C THR A 469 18.46 11.56 22.09
N VAL A 470 17.19 11.76 21.76
CA VAL A 470 16.75 12.12 20.41
C VAL A 470 16.11 13.49 20.47
N ASN A 471 16.64 14.43 19.69
CA ASN A 471 16.10 15.78 19.61
C ASN A 471 15.63 16.04 18.19
N ILE A 472 14.35 16.41 18.05
CA ILE A 472 13.74 16.66 16.76
C ILE A 472 13.21 18.09 16.77
N LYS A 473 13.63 18.87 15.77
CA LYS A 473 13.19 20.24 15.59
C LYS A 473 12.11 20.27 14.51
N SER A 474 10.93 20.76 14.87
CA SER A 474 9.76 20.75 14.01
C SER A 474 8.92 21.98 14.37
N LYS A 475 7.63 21.95 14.02
CA LYS A 475 6.73 23.00 14.48
C LYS A 475 6.81 23.16 15.99
N GLU A 476 7.06 22.07 16.71
CA GLU A 476 7.39 22.13 18.13
C GLU A 476 8.68 21.35 18.37
N GLN A 477 9.42 21.75 19.39
CA GLN A 477 10.67 21.08 19.73
C GLN A 477 10.38 19.85 20.58
N LYS A 478 10.95 18.72 20.19
CA LYS A 478 10.70 17.46 20.89
C LYS A 478 12.02 16.83 21.32
N THR A 479 12.03 16.30 22.55
CA THR A 479 13.18 15.60 23.10
C THR A 479 12.70 14.33 23.77
N ASP A 480 13.36 13.21 23.47
CA ASP A 480 13.00 11.92 24.04
C ASP A 480 14.26 11.17 24.43
N TYR A 481 14.08 10.20 25.34
CA TYR A 481 15.19 9.38 25.83
C TYR A 481 14.84 7.91 25.67
N LEU A 482 15.76 7.14 25.09
CA LEU A 482 15.58 5.71 24.90
C LEU A 482 16.82 4.98 25.39
N VAL A 483 16.62 3.79 25.96
CA VAL A 483 17.69 2.95 26.47
C VAL A 483 17.78 1.73 25.55
N PRO A 484 18.81 1.62 24.71
CA PRO A 484 18.94 0.45 23.84
C PRO A 484 19.15 -0.83 24.64
N GLU A 485 18.68 -1.94 24.07
CA GLU A 485 18.80 -3.23 24.70
C GLU A 485 20.04 -3.96 24.18
N LYS A 486 20.20 -5.22 24.61
CA LYS A 486 21.37 -6.00 24.20
C LYS A 486 21.38 -6.25 22.70
N ASP A 487 20.22 -6.55 22.11
CA ASP A 487 20.12 -6.82 20.70
C ASP A 487 19.40 -5.66 19.99
N TYR A 488 19.15 -5.84 18.69
CA TYR A 488 18.56 -4.78 17.90
C TYR A 488 17.07 -4.63 18.22
N THR A 489 16.66 -3.40 18.52
CA THR A 489 15.27 -3.08 18.75
C THR A 489 14.89 -1.84 17.96
N LYS A 490 13.61 -1.74 17.62
CA LYS A 490 13.12 -0.67 16.76
C LYS A 490 12.57 0.48 17.61
N PHE A 491 12.84 1.71 17.17
CA PHE A 491 12.30 2.90 17.79
C PHE A 491 11.65 3.78 16.73
N SER A 492 10.57 4.45 17.12
CA SER A 492 9.83 5.33 16.22
C SER A 492 9.45 6.60 16.97
N TYR A 493 9.61 7.75 16.29
CA TYR A 493 9.21 9.03 16.85
C TYR A 493 8.53 9.85 15.78
N GLU A 494 7.39 10.45 16.13
CA GLU A 494 6.57 11.17 15.17
C GLU A 494 6.78 12.68 15.30
N PHE A 495 6.60 13.38 14.18
CA PHE A 495 6.66 14.83 14.16
C PHE A 495 5.77 15.33 13.03
N GLU A 496 5.71 16.65 12.88
CA GLU A 496 4.84 17.28 11.90
C GLU A 496 5.57 18.42 11.21
N THR A 497 5.04 18.81 10.05
CA THR A 497 5.57 19.93 9.28
C THR A 497 4.47 20.97 9.08
N THR A 498 4.86 22.24 9.06
CA THR A 498 3.91 23.34 8.89
C THR A 498 4.48 24.33 7.88
N GLY A 499 3.78 24.48 6.75
CA GLY A 499 4.11 25.52 5.79
C GLY A 499 5.28 25.20 4.89
N LYS A 500 5.15 25.54 3.60
CA LYS A 500 6.25 25.32 2.67
C LYS A 500 7.40 26.28 2.95
N ASP A 501 7.09 27.52 3.30
CA ASP A 501 8.10 28.54 3.58
C ASP A 501 8.32 28.60 5.09
N SER A 502 9.14 27.67 5.58
CA SER A 502 9.45 27.59 7.00
C SER A 502 10.87 27.07 7.16
N SER A 503 11.28 26.89 8.41
CA SER A 503 12.63 26.46 8.72
C SER A 503 12.81 24.98 8.37
N ASP A 504 14.08 24.55 8.35
CA ASP A 504 14.41 23.17 8.03
C ASP A 504 14.09 22.26 9.21
N ILE A 505 14.38 20.97 9.04
CA ILE A 505 14.12 19.96 10.07
C ILE A 505 15.46 19.42 10.54
N GLU A 506 15.67 19.44 11.86
CA GLU A 506 16.92 18.97 12.46
C GLU A 506 16.65 17.74 13.30
N ILE A 507 17.41 16.68 13.06
CA ILE A 507 17.30 15.45 13.86
C ILE A 507 18.67 15.15 14.44
N THR A 508 18.74 15.04 15.77
CA THR A 508 20.00 14.76 16.46
C THR A 508 19.83 13.52 17.33
N LEU A 509 20.77 12.58 17.19
CA LEU A 509 20.85 11.37 18.00
C LEU A 509 22.16 11.43 18.77
N THR A 510 22.09 11.52 20.09
CA THR A 510 23.28 11.61 20.92
C THR A 510 23.33 10.42 21.87
N SER A 511 24.50 9.79 21.96
CA SER A 511 24.71 8.61 22.77
C SER A 511 25.75 8.89 23.85
N SER A 512 25.48 8.40 25.06
CA SER A 512 26.42 8.56 26.17
C SER A 512 27.63 7.64 26.03
N GLY A 513 27.55 6.63 25.18
CA GLY A 513 28.66 5.72 24.98
C GLY A 513 28.79 5.27 23.54
N VAL A 514 28.92 3.96 23.32
CA VAL A 514 29.03 3.39 21.99
C VAL A 514 27.75 2.61 21.70
N ILE A 515 27.10 2.94 20.58
CA ILE A 515 25.85 2.31 20.18
C ILE A 515 26.00 1.84 18.75
N PHE A 516 25.21 0.83 18.37
CA PHE A 516 25.14 0.38 16.98
C PHE A 516 23.78 0.78 16.42
N LEU A 517 23.80 1.52 15.31
CA LEU A 517 22.58 1.99 14.67
C LEU A 517 22.47 1.40 13.27
N ASP A 518 21.25 1.10 12.86
CA ASP A 518 21.04 0.56 11.52
C ASP A 518 19.60 0.81 11.09
N ASN A 519 19.41 0.88 9.76
CA ASN A 519 18.09 0.98 9.14
C ASN A 519 17.32 2.20 9.63
N LEU A 520 17.86 3.37 9.30
CA LEU A 520 17.18 4.62 9.62
C LEU A 520 16.25 5.00 8.48
N SER A 521 15.09 5.55 8.83
CA SER A 521 14.11 5.87 7.79
C SER A 521 13.17 6.96 8.28
N ILE A 522 12.62 7.69 7.31
CA ILE A 522 11.58 8.71 7.54
C ILE A 522 10.46 8.41 6.55
N THR A 523 9.25 8.23 7.08
CA THR A 523 8.08 7.91 6.28
C THR A 523 6.95 8.89 6.59
N GLU A 524 6.12 9.18 5.58
CA GLU A 524 5.08 10.19 5.70
C GLU A 524 3.76 9.52 6.04
N LEU A 525 3.13 9.99 7.11
CA LEU A 525 1.79 9.56 7.50
C LEU A 525 0.77 10.56 6.91
N ASN A 526 -0.46 10.53 7.40
CA ASN A 526 -1.52 11.37 6.89
C ASN A 526 -1.20 12.86 7.10
N SER A 527 -2.10 13.70 6.60
CA SER A 527 -1.91 15.14 6.58
C SER A 527 -2.69 15.81 7.71
N THR A 528 -2.01 16.70 8.43
CA THR A 528 -2.63 17.44 9.52
C THR A 528 -3.61 18.46 8.95
N PRO A 529 -4.59 18.88 9.76
CA PRO A 529 -5.60 19.83 9.26
C PRO A 529 -5.01 21.16 8.84
N GLU A 530 -5.63 21.77 7.84
CA GLU A 530 -5.27 23.09 7.33
C GLU A 530 -6.25 24.12 7.87
N ILE A 531 -5.72 25.15 8.53
CA ILE A 531 -6.52 26.23 9.07
C ILE A 531 -6.30 27.46 8.21
N LEU A 532 -7.36 27.90 7.53
CA LEU A 532 -7.28 29.04 6.63
C LEU A 532 -7.27 30.36 7.39
CA CA B . -6.91 -26.34 -10.17
CA CA C . -6.01 -30.18 -12.18
CA CA D . 22.90 -2.26 7.62
#